data_7M3X
#
_entry.id   7M3X
#
_cell.length_a   44.726
_cell.length_b   88.775
_cell.length_c   97.165
_cell.angle_alpha   90.000
_cell.angle_beta   90.000
_cell.angle_gamma   90.000
#
_symmetry.space_group_name_H-M   'P 21 21 21'
#
loop_
_entity.id
_entity.type
_entity.pdbx_description
1 polymer 'Histone-binding protein RBBP7'
2 non-polymer 'UNKNOWN ATOM OR ION'
3 water water
#
_entity_poly.entity_id   1
_entity_poly.type   'polypeptide(L)'
_entity_poly.pdbx_seq_one_letter_code
;GMFEDTVEERVINEEYKIWKKNTPFLYDLVMTHALQWPSLTVQWLPEVTKPEGKDYALHWLVLGTHTSDEQNHLVVARVH
IPNDDAQFDASHCDSDKGEFGGFGSVTGKIECEIKINHEGEVNRARYMPQNPHIIATKTPSSDVLVFDYTKHPAKPDPSG
ECNPDLRLRGHQKEGYGLSWNSNLSGHLLSASDDHTVCLWDINAGPKEGKIVDAKAIFTGHSAVVEDVAWHLLHESLFGS
VADDQKLMIWDTRSNTTSKPSHLVDAHTAEVNCLSFNPYSEFILATGSADKTVALWDLRNLKLKLHTFESHKDEIFQVHW
SPHNETILASSGTDRRLNVWDLSKIGEEQSAEDAEDGPPELLFIHGGHTAKISDFSWNPNEPWVICSVSEDNIMQIWQMA
ENIYNDE
;
_entity_poly.pdbx_strand_id   A
#
loop_
_chem_comp.id
_chem_comp.type
_chem_comp.name
_chem_comp.formula
UNX non-polymer 'UNKNOWN ATOM OR ION' ?
#
# COMPACT_ATOMS: atom_id res chain seq x y z
N GLU A 4 -5.17 23.20 -6.59
CA GLU A 4 -5.65 24.60 -6.52
C GLU A 4 -4.60 25.58 -7.08
N ASP A 5 -3.48 25.10 -7.63
CA ASP A 5 -2.50 25.93 -8.40
C ASP A 5 -2.94 25.89 -9.88
N THR A 6 -3.50 26.99 -10.38
CA THR A 6 -4.15 27.02 -11.72
C THR A 6 -3.07 26.91 -12.81
N VAL A 7 -1.83 27.25 -12.51
CA VAL A 7 -0.71 27.15 -13.48
C VAL A 7 -0.30 25.68 -13.60
N GLU A 8 0.01 25.05 -12.47
CA GLU A 8 0.45 23.63 -12.43
C GLU A 8 -0.68 22.77 -13.00
N GLU A 9 -1.94 23.11 -12.76
CA GLU A 9 -3.10 22.32 -13.27
C GLU A 9 -3.01 22.21 -14.81
N ARG A 10 -2.65 23.29 -15.50
CA ARG A 10 -2.60 23.24 -16.97
C ARG A 10 -1.47 22.32 -17.42
N VAL A 11 -0.31 22.40 -16.76
CA VAL A 11 0.84 21.54 -17.13
C VAL A 11 0.40 20.07 -16.96
N ILE A 12 -0.21 19.77 -15.83
CA ILE A 12 -0.66 18.37 -15.51
C ILE A 12 -1.66 17.94 -16.58
N ASN A 13 -2.65 18.77 -16.88
CA ASN A 13 -3.72 18.38 -17.83
C ASN A 13 -3.14 18.18 -19.23
N GLU A 14 -2.20 19.02 -19.68
CA GLU A 14 -1.65 18.86 -21.05
C GLU A 14 -0.79 17.58 -21.11
N GLU A 15 -0.06 17.26 -20.06
CA GLU A 15 0.76 16.03 -20.03
C GLU A 15 -0.19 14.84 -20.04
N TYR A 16 -1.30 14.92 -19.31
CA TYR A 16 -2.29 13.83 -19.26
C TYR A 16 -2.89 13.64 -20.66
N LYS A 17 -3.15 14.71 -21.41
CA LYS A 17 -3.76 14.57 -22.76
C LYS A 17 -2.80 13.77 -23.66
N ILE A 18 -1.51 14.01 -23.57
CA ILE A 18 -0.49 13.26 -24.36
CA ILE A 18 -0.49 13.25 -24.37
C ILE A 18 -0.49 11.80 -23.88
N TRP A 19 -0.51 11.60 -22.56
CA TRP A 19 -0.60 10.23 -21.99
C TRP A 19 -1.81 9.50 -22.59
N LYS A 20 -2.98 10.13 -22.57
CA LYS A 20 -4.23 9.42 -22.95
C LYS A 20 -4.13 9.00 -24.43
N LYS A 21 -3.59 9.87 -25.28
CA LYS A 21 -3.42 9.56 -26.72
C LYS A 21 -2.49 8.36 -26.93
N ASN A 22 -1.59 8.07 -25.98
CA ASN A 22 -0.61 6.96 -26.12
C ASN A 22 -1.08 5.69 -25.42
N THR A 23 -2.28 5.65 -24.83
CA THR A 23 -2.65 4.51 -23.96
C THR A 23 -2.79 3.22 -24.77
N PRO A 24 -3.30 3.18 -26.02
CA PRO A 24 -3.37 1.90 -26.74
C PRO A 24 -1.98 1.30 -26.98
N PHE A 25 -0.97 2.14 -27.11
CA PHE A 25 0.45 1.72 -27.30
C PHE A 25 1.03 1.26 -25.97
N LEU A 26 0.82 2.03 -24.89
CA LEU A 26 1.55 1.77 -23.62
C LEU A 26 0.86 0.71 -22.76
N TYR A 27 -0.42 0.42 -22.95
CA TYR A 27 -1.20 -0.45 -22.02
C TYR A 27 -1.95 -1.53 -22.79
N ASP A 28 -2.09 -2.70 -22.17
CA ASP A 28 -3.08 -3.70 -22.63
C ASP A 28 -4.44 -3.46 -21.97
N LEU A 29 -4.49 -2.74 -20.83
CA LEU A 29 -5.76 -2.40 -20.14
C LEU A 29 -5.59 -1.06 -19.44
N VAL A 30 -6.56 -0.17 -19.60
CA VAL A 30 -6.73 1.05 -18.75
C VAL A 30 -8.21 1.23 -18.52
N MET A 31 -8.58 1.26 -17.24
CA MET A 31 -9.95 1.57 -16.80
C MET A 31 -9.83 2.65 -15.72
N THR A 32 -10.64 3.70 -15.84
N THR A 32 -10.66 3.69 -15.81
CA THR A 32 -10.66 4.80 -14.87
CA THR A 32 -10.65 4.87 -14.91
C THR A 32 -12.06 4.89 -14.27
C THR A 32 -12.04 5.10 -14.33
N HIS A 33 -12.10 5.26 -13.01
CA HIS A 33 -13.35 5.51 -12.27
C HIS A 33 -13.11 6.70 -11.36
N ALA A 34 -14.04 7.64 -11.33
CA ALA A 34 -13.97 8.79 -10.41
C ALA A 34 -14.92 8.53 -9.23
N LEU A 35 -14.35 8.45 -8.03
CA LEU A 35 -15.09 8.20 -6.77
C LEU A 35 -15.71 9.51 -6.28
N GLN A 36 -16.79 9.44 -5.49
CA GLN A 36 -17.41 10.64 -4.87
C GLN A 36 -16.38 11.33 -3.97
N TRP A 37 -15.61 10.54 -3.20
CA TRP A 37 -14.54 11.04 -2.32
C TRP A 37 -13.25 10.33 -2.71
N PRO A 38 -12.08 10.96 -2.52
CA PRO A 38 -10.84 10.24 -2.73
C PRO A 38 -10.71 9.06 -1.75
N SER A 39 -10.01 8.02 -2.20
CA SER A 39 -9.58 6.90 -1.32
C SER A 39 -8.11 7.11 -0.96
N LEU A 40 -7.78 6.99 0.32
CA LEU A 40 -6.37 7.01 0.79
C LEU A 40 -5.76 5.61 0.72
N THR A 41 -6.53 4.60 0.33
CA THR A 41 -6.12 3.18 0.49
C THR A 41 -6.67 2.34 -0.67
N VAL A 42 -5.92 1.32 -1.07
CA VAL A 42 -6.47 0.29 -1.98
C VAL A 42 -5.74 -1.01 -1.75
N GLN A 43 -6.46 -2.12 -1.81
CA GLN A 43 -5.88 -3.46 -1.72
C GLN A 43 -6.83 -4.42 -2.42
N TRP A 44 -6.37 -5.20 -3.38
CA TRP A 44 -7.23 -6.28 -3.95
C TRP A 44 -7.52 -7.32 -2.87
N LEU A 45 -8.78 -7.76 -2.76
CA LEU A 45 -9.08 -9.02 -2.05
C LEU A 45 -8.49 -10.17 -2.87
N PRO A 46 -8.25 -11.33 -2.23
CA PRO A 46 -7.65 -12.45 -2.95
C PRO A 46 -8.55 -13.20 -3.93
N GLU A 47 -9.87 -13.00 -3.88
CA GLU A 47 -10.85 -13.80 -4.67
C GLU A 47 -10.93 -13.31 -6.12
N VAL A 48 -11.12 -14.24 -7.06
CA VAL A 48 -11.49 -13.96 -8.46
C VAL A 48 -12.51 -15.01 -8.88
N THR A 49 -13.49 -14.63 -9.69
CA THR A 49 -14.42 -15.58 -10.39
C THR A 49 -14.46 -15.25 -11.88
N LYS A 50 -14.57 -16.26 -12.73
CA LYS A 50 -14.86 -16.09 -14.17
C LYS A 50 -16.24 -16.68 -14.41
N PRO A 51 -17.31 -15.90 -14.16
CA PRO A 51 -18.67 -16.43 -14.21
C PRO A 51 -18.95 -17.00 -15.60
N GLU A 52 -19.52 -18.19 -15.61
CA GLU A 52 -20.02 -18.88 -16.82
C GLU A 52 -20.86 -17.90 -17.64
N GLY A 53 -20.55 -17.78 -18.93
CA GLY A 53 -21.35 -17.06 -19.94
C GLY A 53 -21.07 -15.57 -20.00
N LYS A 54 -20.09 -15.07 -19.25
CA LYS A 54 -19.72 -13.63 -19.24
C LYS A 54 -18.36 -13.46 -19.92
N ASP A 55 -18.06 -12.24 -20.36
CA ASP A 55 -16.78 -11.90 -21.04
C ASP A 55 -15.93 -11.03 -20.09
N TYR A 56 -16.05 -11.28 -18.79
CA TYR A 56 -15.26 -10.58 -17.75
C TYR A 56 -15.06 -11.53 -16.58
N ALA A 57 -14.04 -11.24 -15.78
CA ALA A 57 -13.81 -11.82 -14.45
C ALA A 57 -14.29 -10.82 -13.41
N LEU A 58 -14.78 -11.32 -12.26
CA LEU A 58 -15.04 -10.51 -11.06
C LEU A 58 -13.81 -10.50 -10.16
N HIS A 59 -13.43 -9.30 -9.73
CA HIS A 59 -12.37 -9.06 -8.74
C HIS A 59 -12.92 -8.09 -7.71
N TRP A 60 -12.22 -7.94 -6.59
CA TRP A 60 -12.72 -7.06 -5.51
C TRP A 60 -11.59 -6.19 -4.97
N LEU A 61 -11.94 -4.94 -4.63
CA LEU A 61 -11.01 -3.97 -4.03
C LEU A 61 -11.51 -3.54 -2.65
N VAL A 62 -10.61 -3.46 -1.70
CA VAL A 62 -10.85 -2.77 -0.39
C VAL A 62 -10.43 -1.32 -0.57
N LEU A 63 -11.38 -0.40 -0.40
CA LEU A 63 -11.20 1.06 -0.59
C LEU A 63 -11.68 1.76 0.68
N GLY A 64 -11.44 3.06 0.73
CA GLY A 64 -12.07 3.91 1.75
C GLY A 64 -12.49 5.24 1.16
N THR A 65 -13.04 6.07 2.02
CA THR A 65 -13.36 7.45 1.67
C THR A 65 -12.47 8.41 2.45
N HIS A 66 -12.43 9.63 1.96
CA HIS A 66 -11.76 10.76 2.65
C HIS A 66 -12.63 12.00 2.48
N THR A 67 -13.50 12.26 3.45
CA THR A 67 -14.22 13.56 3.58
C THR A 67 -14.01 14.05 5.02
N SER A 68 -13.62 15.31 5.19
CA SER A 68 -13.34 15.88 6.53
C SER A 68 -14.63 16.27 7.25
N ASP A 69 -15.70 16.51 6.49
N ASP A 69 -15.71 16.53 6.52
CA ASP A 69 -16.95 17.16 6.95
CA ASP A 69 -16.95 17.11 7.14
C ASP A 69 -18.10 16.15 7.02
C ASP A 69 -18.19 16.26 6.85
N GLU A 70 -18.08 15.10 6.20
CA GLU A 70 -19.27 14.22 5.94
C GLU A 70 -18.96 12.77 6.30
N GLN A 71 -19.93 11.88 6.12
CA GLN A 71 -19.82 10.49 6.59
C GLN A 71 -18.81 9.76 5.71
N ASN A 72 -17.89 9.04 6.36
CA ASN A 72 -16.92 8.15 5.70
C ASN A 72 -17.41 6.71 5.75
N HIS A 73 -16.82 5.90 4.88
CA HIS A 73 -17.13 4.46 4.76
C HIS A 73 -15.86 3.68 4.46
N LEU A 74 -15.84 2.46 4.99
CA LEU A 74 -14.98 1.35 4.50
C LEU A 74 -15.75 0.65 3.39
N VAL A 75 -15.12 0.41 2.24
CA VAL A 75 -15.82 -0.05 1.01
C VAL A 75 -15.12 -1.30 0.48
N VAL A 76 -15.93 -2.28 0.10
CA VAL A 76 -15.45 -3.35 -0.80
C VAL A 76 -16.17 -3.14 -2.13
N ALA A 77 -15.42 -2.95 -3.21
CA ALA A 77 -15.96 -2.74 -4.56
C ALA A 77 -15.80 -4.02 -5.37
N ARG A 78 -16.86 -4.38 -6.09
CA ARG A 78 -16.89 -5.51 -7.05
C ARG A 78 -16.59 -4.94 -8.42
N VAL A 79 -15.55 -5.44 -9.10
CA VAL A 79 -15.15 -4.86 -10.41
C VAL A 79 -15.12 -5.96 -11.48
N HIS A 80 -15.50 -5.58 -12.70
CA HIS A 80 -15.40 -6.43 -13.91
C HIS A 80 -14.07 -6.14 -14.59
N ILE A 81 -13.21 -7.12 -14.77
CA ILE A 81 -12.01 -6.99 -15.65
C ILE A 81 -12.32 -7.75 -16.94
N PRO A 82 -12.40 -7.06 -18.10
CA PRO A 82 -12.77 -7.71 -19.36
C PRO A 82 -11.75 -8.79 -19.75
N ASN A 83 -12.23 -9.88 -20.36
CA ASN A 83 -11.39 -10.99 -20.91
C ASN A 83 -10.76 -10.50 -22.22
N ASP A 84 -9.76 -11.23 -22.74
CA ASP A 84 -9.10 -10.96 -24.05
C ASP A 84 -10.17 -10.65 -25.10
N ASP A 85 -11.11 -11.57 -25.31
CA ASP A 85 -12.29 -11.40 -26.20
C ASP A 85 -13.22 -10.33 -25.60
N GLY A 108 -15.40 -1.97 -18.57
CA GLY A 108 -15.51 -2.52 -17.20
C GLY A 108 -16.76 -2.06 -16.49
N LYS A 109 -16.87 -2.32 -15.18
CA LYS A 109 -18.02 -1.94 -14.33
C LYS A 109 -17.54 -1.99 -12.87
N ILE A 110 -18.04 -1.06 -12.04
CA ILE A 110 -17.74 -1.02 -10.57
C ILE A 110 -19.05 -0.92 -9.80
N GLU A 111 -19.21 -1.78 -8.80
CA GLU A 111 -20.41 -1.83 -7.95
C GLU A 111 -19.93 -1.98 -6.51
N CYS A 112 -20.80 -1.62 -5.58
CA CYS A 112 -20.53 -1.73 -4.15
C CYS A 112 -20.89 -3.14 -3.67
N GLU A 113 -19.92 -3.90 -3.19
CA GLU A 113 -20.14 -5.21 -2.53
C GLU A 113 -20.59 -4.95 -1.09
N ILE A 114 -19.81 -4.14 -0.36
CA ILE A 114 -20.40 -3.63 0.90
CA ILE A 114 -19.87 -3.87 1.11
C ILE A 114 -19.66 -2.36 1.30
N LYS A 115 -20.41 -1.65 2.11
CA LYS A 115 -20.10 -0.28 2.54
C LYS A 115 -20.43 -0.21 4.02
N ILE A 116 -19.47 0.15 4.85
CA ILE A 116 -19.59 0.10 6.34
C ILE A 116 -19.30 1.49 6.89
N ASN A 117 -20.18 2.00 7.74
CA ASN A 117 -19.96 3.32 8.37
C ASN A 117 -18.61 3.31 9.10
N HIS A 118 -17.83 4.36 8.83
CA HIS A 118 -16.46 4.48 9.36
C HIS A 118 -16.29 5.86 9.96
N GLU A 119 -15.76 5.96 11.17
CA GLU A 119 -15.55 7.25 11.85
C GLU A 119 -14.25 7.91 11.34
N GLY A 120 -14.38 8.96 10.57
CA GLY A 120 -13.24 9.64 9.95
C GLY A 120 -12.77 8.93 8.69
N GLU A 121 -11.83 9.55 8.01
CA GLU A 121 -11.26 8.97 6.76
C GLU A 121 -10.53 7.66 7.07
N VAL A 122 -10.48 6.79 6.07
CA VAL A 122 -9.77 5.49 6.13
C VAL A 122 -8.34 5.70 5.62
N ASN A 123 -7.39 5.88 6.52
CA ASN A 123 -5.96 6.11 6.14
C ASN A 123 -5.38 4.85 5.49
N ARG A 124 -5.78 3.67 5.96
CA ARG A 124 -5.27 2.38 5.45
C ARG A 124 -6.26 1.30 5.84
N ALA A 125 -6.54 0.39 4.93
CA ALA A 125 -7.43 -0.76 5.21
C ALA A 125 -6.77 -2.00 4.63
N ARG A 126 -6.64 -3.04 5.43
CA ARG A 126 -5.94 -4.28 4.99
C ARG A 126 -6.72 -5.50 5.46
N TYR A 127 -6.94 -6.48 4.59
CA TYR A 127 -7.67 -7.72 4.93
C TYR A 127 -6.71 -8.69 5.63
N MET A 128 -7.25 -9.51 6.52
CA MET A 128 -6.46 -10.54 7.25
C MET A 128 -6.25 -11.72 6.31
N PRO A 129 -4.99 -12.12 6.02
CA PRO A 129 -4.75 -13.15 5.01
C PRO A 129 -5.47 -14.48 5.30
N GLN A 130 -5.53 -14.87 6.58
CA GLN A 130 -6.18 -16.15 7.04
C GLN A 130 -7.71 -16.04 6.98
N ASN A 131 -8.28 -14.83 6.95
CA ASN A 131 -9.75 -14.61 6.94
CA ASN A 131 -9.74 -14.58 6.99
C ASN A 131 -10.02 -13.27 6.25
N PRO A 132 -10.06 -13.26 4.91
CA PRO A 132 -10.15 -12.01 4.15
C PRO A 132 -11.43 -11.19 4.34
N HIS A 133 -12.42 -11.68 5.06
CA HIS A 133 -13.59 -10.83 5.42
C HIS A 133 -13.32 -10.06 6.71
N ILE A 134 -12.16 -10.22 7.33
CA ILE A 134 -11.74 -9.37 8.49
CA ILE A 134 -11.72 -9.39 8.49
C ILE A 134 -10.80 -8.28 7.95
N ILE A 135 -11.20 -7.03 8.15
CA ILE A 135 -10.44 -5.86 7.65
C ILE A 135 -10.07 -4.97 8.83
N ALA A 136 -8.79 -4.62 8.95
CA ALA A 136 -8.32 -3.62 9.93
C ALA A 136 -8.20 -2.26 9.23
N THR A 137 -8.49 -1.18 9.96
CA THR A 137 -8.34 0.19 9.43
C THR A 137 -7.53 1.06 10.40
N LYS A 138 -6.79 1.98 9.78
CA LYS A 138 -6.20 3.17 10.43
C LYS A 138 -7.10 4.36 10.14
N THR A 139 -7.40 5.14 11.18
CA THR A 139 -8.36 6.27 11.12
C THR A 139 -7.61 7.54 11.47
N PRO A 140 -8.26 8.72 11.50
CA PRO A 140 -7.57 9.94 11.92
C PRO A 140 -7.39 10.06 13.44
N SER A 141 -7.89 9.07 14.19
N SER A 141 -7.88 9.06 14.20
CA SER A 141 -7.75 8.97 15.67
CA SER A 141 -7.71 8.99 15.67
C SER A 141 -6.87 7.76 16.00
C SER A 141 -6.81 7.78 16.00
N SER A 142 -6.61 7.48 17.29
CA SER A 142 -5.50 6.58 17.66
CA SER A 142 -5.53 6.58 17.77
C SER A 142 -5.89 5.09 17.61
N ASP A 143 -7.15 4.73 17.89
CA ASP A 143 -7.52 3.28 17.96
C ASP A 143 -7.50 2.69 16.56
N VAL A 144 -6.88 1.53 16.41
CA VAL A 144 -6.99 0.74 15.16
C VAL A 144 -8.32 -0.01 15.23
N LEU A 145 -9.08 0.00 14.14
CA LEU A 145 -10.42 -0.64 14.10
C LEU A 145 -10.34 -1.96 13.35
N VAL A 146 -11.15 -2.91 13.78
CA VAL A 146 -11.28 -4.22 13.08
C VAL A 146 -12.77 -4.42 12.76
N PHE A 147 -13.05 -4.73 11.51
CA PHE A 147 -14.40 -5.03 11.00
C PHE A 147 -14.42 -6.44 10.42
N ASP A 148 -15.42 -7.21 10.80
CA ASP A 148 -15.78 -8.48 10.11
C ASP A 148 -16.93 -8.14 9.17
N TYR A 149 -16.68 -8.03 7.86
CA TYR A 149 -17.73 -7.45 6.98
C TYR A 149 -18.96 -8.36 6.92
N THR A 150 -18.85 -9.63 7.33
CA THR A 150 -20.03 -10.53 7.35
C THR A 150 -20.97 -10.14 8.50
N LYS A 151 -20.52 -9.31 9.43
CA LYS A 151 -21.31 -8.97 10.65
C LYS A 151 -21.80 -7.53 10.55
N HIS A 152 -21.86 -6.97 9.35
CA HIS A 152 -22.38 -5.61 9.12
C HIS A 152 -23.48 -5.67 8.09
N PRO A 153 -24.47 -4.77 8.17
CA PRO A 153 -25.59 -4.79 7.23
C PRO A 153 -25.14 -4.56 5.79
N ALA A 154 -25.87 -5.17 4.85
CA ALA A 154 -25.59 -5.09 3.40
C ALA A 154 -25.66 -3.63 2.93
N LYS A 155 -26.46 -2.79 3.58
CA LYS A 155 -26.51 -1.33 3.34
C LYS A 155 -26.25 -0.66 4.68
N PRO A 156 -25.36 0.36 4.77
CA PRO A 156 -25.10 1.02 6.05
C PRO A 156 -26.30 1.89 6.47
N ASP A 157 -26.52 1.97 7.78
CA ASP A 157 -27.57 2.84 8.35
C ASP A 157 -27.16 4.29 8.11
N PRO A 158 -28.00 5.12 7.44
CA PRO A 158 -27.64 6.52 7.25
C PRO A 158 -27.41 7.35 8.51
N SER A 159 -27.81 6.87 9.70
CA SER A 159 -27.50 7.57 10.97
C SER A 159 -25.98 7.63 11.17
N GLY A 160 -25.24 6.71 10.55
CA GLY A 160 -23.79 6.85 10.33
C GLY A 160 -22.94 6.32 11.47
N GLU A 161 -23.51 5.73 12.52
CA GLU A 161 -22.69 5.29 13.69
C GLU A 161 -21.68 4.23 13.26
N CYS A 162 -20.47 4.37 13.75
CA CYS A 162 -19.36 3.43 13.50
C CYS A 162 -19.33 2.41 14.65
N ASN A 163 -19.54 1.14 14.32
CA ASN A 163 -19.64 0.05 15.32
C ASN A 163 -18.60 -1.00 14.98
N PRO A 164 -17.31 -0.72 15.20
CA PRO A 164 -16.26 -1.69 14.88
C PRO A 164 -16.41 -2.93 15.75
N ASP A 165 -16.01 -4.07 15.19
CA ASP A 165 -16.02 -5.35 15.94
C ASP A 165 -14.97 -5.31 17.05
N LEU A 166 -13.82 -4.68 16.82
CA LEU A 166 -12.79 -4.44 17.86
C LEU A 166 -12.26 -3.02 17.73
N ARG A 167 -11.90 -2.43 18.88
CA ARG A 167 -11.05 -1.22 18.98
C ARG A 167 -9.73 -1.67 19.60
N LEU A 168 -8.62 -1.45 18.88
CA LEU A 168 -7.27 -1.84 19.36
C LEU A 168 -6.57 -0.60 19.90
N ARG A 169 -6.36 -0.57 21.22
CA ARG A 169 -5.81 0.60 21.95
C ARG A 169 -4.30 0.45 22.14
N GLY A 170 -3.62 1.58 22.32
CA GLY A 170 -2.17 1.59 22.58
C GLY A 170 -1.52 2.82 22.01
N HIS A 171 -1.98 3.29 20.85
CA HIS A 171 -1.38 4.50 20.24
C HIS A 171 -1.91 5.77 20.90
N GLN A 172 -1.13 6.84 20.74
CA GLN A 172 -1.44 8.20 21.24
C GLN A 172 -1.78 9.12 20.07
N LYS A 173 -1.61 8.65 18.84
CA LYS A 173 -1.85 9.47 17.64
C LYS A 173 -2.19 8.53 16.49
N GLU A 174 -2.84 9.09 15.47
CA GLU A 174 -3.09 8.40 14.19
C GLU A 174 -1.77 8.02 13.53
N GLY A 175 -1.87 7.19 12.51
CA GLY A 175 -0.71 6.87 11.65
C GLY A 175 -1.12 6.24 10.34
N TYR A 176 -0.10 5.73 9.63
CA TYR A 176 -0.20 5.40 8.18
C TYR A 176 0.23 3.97 7.86
N GLY A 177 0.69 3.18 8.83
CA GLY A 177 1.20 1.83 8.58
C GLY A 177 0.39 0.76 9.30
N LEU A 178 0.20 -0.39 8.65
CA LEU A 178 -0.69 -1.46 9.15
C LEU A 178 -0.27 -2.76 8.48
N SER A 179 -0.09 -3.85 9.23
CA SER A 179 0.41 -5.14 8.66
C SER A 179 -0.12 -6.33 9.46
N TRP A 180 -0.77 -7.27 8.78
CA TRP A 180 -1.19 -8.56 9.35
C TRP A 180 -0.06 -9.58 9.20
N ASN A 181 0.13 -10.39 10.23
CA ASN A 181 1.11 -11.51 10.21
C ASN A 181 0.51 -12.63 9.35
N SER A 182 1.11 -12.96 8.20
CA SER A 182 0.62 -14.04 7.30
C SER A 182 0.91 -15.44 7.88
N ASN A 183 1.69 -15.53 8.95
CA ASN A 183 2.17 -16.80 9.55
C ASN A 183 1.56 -17.04 10.93
N LEU A 184 0.97 -16.02 11.56
CA LEU A 184 0.41 -16.12 12.92
C LEU A 184 -0.94 -15.37 12.90
N SER A 185 -2.03 -16.13 12.82
CA SER A 185 -3.39 -15.59 12.57
C SER A 185 -3.79 -14.61 13.67
N GLY A 186 -4.21 -13.40 13.29
CA GLY A 186 -4.77 -12.40 14.21
C GLY A 186 -3.72 -11.49 14.84
N HIS A 187 -2.45 -11.62 14.44
CA HIS A 187 -1.35 -10.74 14.94
C HIS A 187 -1.17 -9.55 13.99
N LEU A 188 -1.38 -8.37 14.54
CA LEU A 188 -1.45 -7.12 13.75
C LEU A 188 -0.46 -6.11 14.30
N LEU A 189 0.28 -5.48 13.39
CA LEU A 189 1.17 -4.34 13.70
C LEU A 189 0.58 -3.05 13.11
N SER A 190 0.85 -1.95 13.81
CA SER A 190 0.45 -0.58 13.42
C SER A 190 1.60 0.37 13.67
N ALA A 191 1.84 1.30 12.75
CA ALA A 191 2.82 2.39 12.88
C ALA A 191 2.08 3.69 13.12
N SER A 192 2.62 4.56 13.96
CA SER A 192 1.92 5.79 14.36
C SER A 192 2.85 7.00 14.37
N ASP A 193 2.21 8.16 14.22
CA ASP A 193 2.88 9.47 14.36
C ASP A 193 3.31 9.66 15.82
N ASP A 194 2.89 8.79 16.75
CA ASP A 194 3.34 8.86 18.16
C ASP A 194 4.75 8.27 18.34
N HIS A 195 5.44 7.89 17.24
CA HIS A 195 6.83 7.37 17.23
C HIS A 195 6.87 5.92 17.69
N THR A 196 5.73 5.22 17.75
CA THR A 196 5.71 3.81 18.20
C THR A 196 5.11 2.89 17.15
N VAL A 197 5.41 1.61 17.30
CA VAL A 197 4.72 0.47 16.66
C VAL A 197 3.97 -0.28 17.77
N CYS A 198 2.68 -0.50 17.60
CA CYS A 198 1.87 -1.38 18.47
C CYS A 198 1.62 -2.73 17.82
N LEU A 199 1.63 -3.77 18.65
CA LEU A 199 1.32 -5.16 18.27
C LEU A 199 0.09 -5.61 19.07
N TRP A 200 -0.89 -6.19 18.38
CA TRP A 200 -2.04 -6.86 19.03
C TRP A 200 -2.14 -8.30 18.56
N ASP A 201 -2.61 -9.15 19.47
CA ASP A 201 -3.22 -10.46 19.11
C ASP A 201 -4.73 -10.28 19.27
N ILE A 202 -5.46 -10.22 18.16
CA ILE A 202 -6.92 -9.86 18.21
C ILE A 202 -7.73 -11.06 18.72
N ASN A 203 -7.13 -12.25 18.82
CA ASN A 203 -7.71 -13.48 19.42
C ASN A 203 -7.82 -13.31 20.94
N ALA A 204 -7.03 -12.44 21.56
CA ALA A 204 -6.98 -12.24 23.04
C ALA A 204 -8.24 -11.51 23.52
N GLY A 205 -9.14 -12.24 24.19
CA GLY A 205 -10.48 -11.81 24.63
C GLY A 205 -10.57 -10.34 25.02
N PRO A 206 -11.53 -9.56 24.47
CA PRO A 206 -11.72 -8.16 24.85
C PRO A 206 -12.58 -8.02 26.12
N GLY A 209 -15.64 -4.84 26.36
CA GLY A 209 -15.85 -6.18 25.79
C GLY A 209 -15.47 -6.27 24.32
N LYS A 210 -15.16 -5.13 23.68
CA LYS A 210 -14.73 -5.03 22.25
C LYS A 210 -13.42 -4.23 22.16
N ILE A 211 -12.71 -4.04 23.27
CA ILE A 211 -11.41 -3.29 23.32
C ILE A 211 -10.28 -4.29 23.55
N VAL A 212 -9.20 -4.19 22.79
CA VAL A 212 -7.97 -5.00 22.98
C VAL A 212 -6.80 -4.04 23.22
N ASP A 213 -6.08 -4.22 24.33
CA ASP A 213 -4.88 -3.41 24.64
C ASP A 213 -3.68 -4.01 23.92
N ALA A 214 -2.74 -3.16 23.51
CA ALA A 214 -1.51 -3.59 22.82
C ALA A 214 -0.79 -4.61 23.70
N LYS A 215 -0.38 -5.72 23.09
CA LYS A 215 0.49 -6.76 23.68
C LYS A 215 1.91 -6.21 23.88
N ALA A 216 2.38 -5.36 22.96
CA ALA A 216 3.74 -4.77 23.00
C ALA A 216 3.71 -3.43 22.27
N ILE A 217 4.52 -2.49 22.75
CA ILE A 217 4.71 -1.15 22.15
C ILE A 217 6.20 -0.94 21.94
N PHE A 218 6.63 -0.87 20.69
CA PHE A 218 8.04 -0.79 20.26
C PHE A 218 8.43 0.68 20.09
N THR A 219 9.50 1.12 20.76
CA THR A 219 9.85 2.55 20.93
C THR A 219 11.26 2.85 20.38
N GLY A 220 11.80 2.03 19.48
CA GLY A 220 13.16 2.23 18.92
C GLY A 220 13.28 3.55 18.18
N HIS A 221 12.27 3.93 17.42
CA HIS A 221 12.30 5.18 16.61
C HIS A 221 12.12 6.40 17.52
N SER A 222 12.68 7.55 17.12
CA SER A 222 12.60 8.85 17.82
CA SER A 222 12.48 8.82 17.87
C SER A 222 11.86 9.87 16.95
N ALA A 223 11.07 9.42 15.98
CA ALA A 223 10.28 10.27 15.08
C ALA A 223 9.08 9.45 14.58
N VAL A 224 8.19 10.09 13.83
CA VAL A 224 6.98 9.46 13.25
C VAL A 224 7.38 8.14 12.61
N VAL A 225 6.69 7.06 12.96
CA VAL A 225 6.90 5.75 12.29
C VAL A 225 5.92 5.72 11.12
N GLU A 226 6.44 5.77 9.91
CA GLU A 226 5.60 5.90 8.70
C GLU A 226 5.00 4.55 8.31
N ASP A 227 5.72 3.45 8.51
CA ASP A 227 5.28 2.15 7.97
C ASP A 227 5.87 1.00 8.78
N VAL A 228 5.18 -0.11 8.73
CA VAL A 228 5.57 -1.38 9.40
C VAL A 228 5.12 -2.53 8.51
N ALA A 229 5.87 -3.62 8.48
CA ALA A 229 5.56 -4.79 7.66
C ALA A 229 6.13 -6.04 8.33
N TRP A 230 5.31 -7.05 8.49
CA TRP A 230 5.79 -8.37 8.91
C TRP A 230 6.67 -8.94 7.79
N HIS A 231 7.69 -9.71 8.20
CA HIS A 231 8.36 -10.67 7.29
C HIS A 231 7.30 -11.61 6.73
N LEU A 232 7.51 -12.10 5.53
CA LEU A 232 6.52 -12.98 4.86
C LEU A 232 6.69 -14.44 5.30
N LEU A 233 7.83 -14.84 5.87
CA LEU A 233 8.13 -16.26 6.22
C LEU A 233 8.36 -16.46 7.73
N HIS A 234 9.11 -15.55 8.36
CA HIS A 234 9.53 -15.61 9.79
C HIS A 234 8.46 -14.93 10.65
N GLU A 235 7.67 -15.72 11.39
CA GLU A 235 6.50 -15.24 12.17
C GLU A 235 6.89 -14.21 13.24
N SER A 236 8.16 -14.19 13.66
N SER A 236 8.16 -14.19 13.66
CA SER A 236 8.67 -13.34 14.76
CA SER A 236 8.68 -13.34 14.76
C SER A 236 9.30 -12.04 14.25
C SER A 236 9.27 -12.02 14.24
N LEU A 237 9.53 -11.91 12.93
CA LEU A 237 10.31 -10.77 12.38
C LEU A 237 9.40 -9.74 11.73
N PHE A 238 9.71 -8.47 11.95
CA PHE A 238 9.05 -7.36 11.21
C PHE A 238 10.01 -6.20 11.04
N GLY A 239 9.71 -5.32 10.09
CA GLY A 239 10.48 -4.12 9.80
C GLY A 239 9.64 -2.88 10.02
N SER A 240 10.26 -1.81 10.48
CA SER A 240 9.63 -0.48 10.66
C SER A 240 10.53 0.57 10.03
N VAL A 241 9.92 1.62 9.49
CA VAL A 241 10.66 2.74 8.84
C VAL A 241 10.06 4.05 9.34
N ALA A 242 10.89 5.08 9.49
CA ALA A 242 10.45 6.30 10.19
C ALA A 242 11.07 7.57 9.63
N ASP A 243 10.59 8.70 10.14
CA ASP A 243 11.05 10.04 9.74
C ASP A 243 12.46 10.29 10.28
N ASP A 244 12.99 9.39 11.11
CA ASP A 244 14.38 9.46 11.65
C ASP A 244 15.38 8.89 10.66
N GLN A 245 14.96 8.57 9.43
CA GLN A 245 15.78 8.09 8.30
C GLN A 245 16.19 6.61 8.52
N LYS A 246 15.61 5.92 9.50
CA LYS A 246 16.06 4.56 9.87
C LYS A 246 15.09 3.48 9.41
N LEU A 247 15.65 2.33 9.07
CA LEU A 247 14.96 1.03 8.93
C LEU A 247 15.35 0.22 10.15
N MET A 248 14.39 -0.34 10.88
CA MET A 248 14.68 -1.19 12.06
C MET A 248 14.06 -2.56 11.79
N ILE A 249 14.80 -3.62 12.13
CA ILE A 249 14.31 -5.02 12.07
C ILE A 249 14.10 -5.50 13.50
N TRP A 250 12.89 -5.95 13.81
CA TRP A 250 12.43 -6.29 15.17
C TRP A 250 12.16 -7.79 15.23
N ASP A 251 12.39 -8.37 16.41
CA ASP A 251 12.10 -9.79 16.71
C ASP A 251 11.20 -9.81 17.94
N THR A 252 10.00 -10.36 17.81
CA THR A 252 8.99 -10.38 18.90
C THR A 252 9.44 -11.33 20.02
N ARG A 253 10.41 -12.19 19.75
CA ARG A 253 10.96 -13.13 20.77
C ARG A 253 11.88 -12.41 21.76
N SER A 254 12.36 -11.21 21.40
N SER A 254 12.37 -11.21 21.42
CA SER A 254 13.27 -10.38 22.24
CA SER A 254 13.29 -10.40 22.26
C SER A 254 12.52 -9.82 23.46
C SER A 254 12.53 -9.81 23.45
N ASN A 255 13.18 -9.75 24.62
CA ASN A 255 12.55 -9.32 25.89
C ASN A 255 12.74 -7.80 26.07
N THR A 256 13.12 -7.09 25.01
CA THR A 256 13.13 -5.60 24.95
C THR A 256 12.12 -5.16 23.90
N THR A 257 11.46 -4.03 24.15
CA THR A 257 10.64 -3.31 23.15
C THR A 257 11.33 -1.99 22.72
N SER A 258 12.53 -1.70 23.22
N SER A 258 12.53 -1.73 23.22
CA SER A 258 13.22 -0.41 23.00
CA SER A 258 13.23 -0.42 23.04
C SER A 258 14.33 -0.53 21.95
C SER A 258 14.37 -0.52 22.01
N LYS A 259 14.93 -1.71 21.80
CA LYS A 259 16.13 -1.91 20.95
C LYS A 259 15.82 -2.93 19.85
N PRO A 260 15.92 -2.57 18.55
CA PRO A 260 15.69 -3.54 17.48
C PRO A 260 16.86 -4.52 17.33
N SER A 261 16.65 -5.61 16.62
CA SER A 261 17.72 -6.59 16.28
C SER A 261 18.74 -5.92 15.35
N HIS A 262 18.26 -5.14 14.38
CA HIS A 262 19.12 -4.41 13.39
C HIS A 262 18.59 -2.98 13.22
N LEU A 263 19.51 -2.01 13.20
CA LEU A 263 19.27 -0.56 12.97
C LEU A 263 20.06 -0.18 11.72
N VAL A 264 19.38 0.32 10.68
CA VAL A 264 19.98 0.64 9.36
C VAL A 264 19.79 2.13 9.10
N ASP A 265 20.86 2.88 8.85
CA ASP A 265 20.79 4.29 8.39
C ASP A 265 20.42 4.25 6.90
N ALA A 266 19.11 4.21 6.58
CA ALA A 266 18.61 3.73 5.27
C ALA A 266 18.65 4.80 4.19
N HIS A 267 18.33 6.05 4.54
CA HIS A 267 18.09 7.14 3.58
C HIS A 267 18.62 8.46 4.14
N THR A 268 18.68 9.48 3.29
CA THR A 268 19.10 10.84 3.69
C THR A 268 17.88 11.72 4.00
N ALA A 269 16.68 11.11 4.10
CA ALA A 269 15.45 11.81 4.53
C ALA A 269 14.47 10.76 5.05
N GLU A 270 13.26 11.20 5.34
CA GLU A 270 12.21 10.36 5.95
C GLU A 270 12.02 9.09 5.12
N VAL A 271 11.80 7.97 5.78
CA VAL A 271 11.53 6.68 5.13
C VAL A 271 10.04 6.39 5.32
N ASN A 272 9.31 6.24 4.22
CA ASN A 272 7.83 6.28 4.23
C ASN A 272 7.24 4.90 3.98
N CYS A 273 8.02 3.91 3.54
CA CYS A 273 7.43 2.63 3.14
C CYS A 273 8.49 1.54 3.13
N LEU A 274 8.06 0.31 3.29
CA LEU A 274 8.92 -0.88 3.09
C LEU A 274 8.07 -2.02 2.56
N SER A 275 8.72 -2.94 1.85
CA SER A 275 8.07 -4.12 1.24
C SER A 275 9.08 -5.27 1.19
N PHE A 276 8.70 -6.43 1.68
CA PHE A 276 9.51 -7.67 1.63
C PHE A 276 9.26 -8.40 0.32
N ASN A 277 10.34 -8.97 -0.23
CA ASN A 277 10.27 -9.72 -1.50
C ASN A 277 9.61 -11.06 -1.24
N PRO A 278 8.51 -11.40 -1.94
CA PRO A 278 7.79 -12.64 -1.66
C PRO A 278 8.49 -13.92 -2.16
N TYR A 279 9.63 -13.80 -2.83
CA TYR A 279 10.40 -14.94 -3.40
C TYR A 279 11.76 -15.13 -2.71
N SER A 280 12.15 -14.25 -1.76
CA SER A 280 13.42 -14.35 -1.00
C SER A 280 13.20 -13.97 0.46
N GLU A 281 13.62 -14.81 1.41
CA GLU A 281 13.52 -14.49 2.86
C GLU A 281 14.49 -13.36 3.25
N PHE A 282 15.36 -12.91 2.34
CA PHE A 282 16.49 -11.99 2.68
C PHE A 282 16.27 -10.56 2.17
N ILE A 283 15.48 -10.39 1.10
CA ILE A 283 15.44 -9.12 0.30
C ILE A 283 14.22 -8.26 0.70
N LEU A 284 14.44 -6.96 0.86
CA LEU A 284 13.33 -5.99 1.05
C LEU A 284 13.72 -4.67 0.40
N ALA A 285 12.74 -3.80 0.21
CA ALA A 285 12.94 -2.45 -0.35
C ALA A 285 12.33 -1.41 0.59
N THR A 286 12.90 -0.21 0.59
CA THR A 286 12.38 0.97 1.33
C THR A 286 12.28 2.13 0.35
N GLY A 287 11.28 3.01 0.56
CA GLY A 287 11.10 4.24 -0.23
C GLY A 287 11.08 5.47 0.64
N SER A 288 11.57 6.59 0.12
CA SER A 288 11.95 7.74 0.97
C SER A 288 11.63 9.09 0.33
N ALA A 289 11.51 10.10 1.19
CA ALA A 289 11.49 11.53 0.83
C ALA A 289 12.77 11.92 0.08
N ASP A 290 13.83 11.10 0.10
CA ASP A 290 15.06 11.40 -0.68
C ASP A 290 14.84 11.06 -2.17
N LYS A 291 13.62 10.66 -2.55
CA LYS A 291 13.18 10.37 -3.94
C LYS A 291 13.77 9.05 -4.47
N THR A 292 14.31 8.20 -3.59
CA THR A 292 14.90 6.91 -3.99
C THR A 292 14.17 5.73 -3.34
N VAL A 293 14.25 4.59 -4.02
CA VAL A 293 13.98 3.25 -3.46
C VAL A 293 15.35 2.61 -3.17
N ALA A 294 15.54 2.10 -1.96
CA ALA A 294 16.74 1.32 -1.55
C ALA A 294 16.43 -0.17 -1.55
N LEU A 295 17.41 -1.00 -1.93
CA LEU A 295 17.31 -2.47 -1.89
C LEU A 295 18.21 -2.99 -0.77
N TRP A 296 17.69 -3.90 0.06
CA TRP A 296 18.34 -4.40 1.31
C TRP A 296 18.41 -5.93 1.31
N ASP A 297 19.49 -6.46 1.88
CA ASP A 297 19.68 -7.90 2.17
C ASP A 297 19.83 -8.06 3.67
N LEU A 298 18.93 -8.83 4.29
CA LEU A 298 18.92 -9.02 5.77
C LEU A 298 20.20 -9.70 6.23
N ARG A 299 20.89 -10.40 5.32
CA ARG A 299 22.15 -11.12 5.65
C ARG A 299 23.29 -10.13 5.90
N ASN A 300 23.21 -8.91 5.34
CA ASN A 300 24.25 -7.88 5.51
C ASN A 300 23.65 -6.49 5.28
N LEU A 301 23.21 -5.84 6.36
CA LEU A 301 22.63 -4.47 6.32
C LEU A 301 23.72 -3.41 6.56
N LYS A 302 25.01 -3.77 6.45
CA LYS A 302 26.15 -2.81 6.52
C LYS A 302 26.30 -2.05 5.19
N LEU A 303 25.67 -2.55 4.13
CA LEU A 303 25.69 -1.87 2.81
C LEU A 303 24.34 -2.04 2.11
N LYS A 304 23.91 -0.97 1.45
CA LYS A 304 22.71 -0.92 0.56
C LYS A 304 23.05 -1.61 -0.76
N LEU A 305 22.22 -2.56 -1.21
CA LEU A 305 22.47 -3.34 -2.45
C LEU A 305 22.33 -2.45 -3.69
N HIS A 306 21.36 -1.54 -3.71
CA HIS A 306 21.04 -0.73 -4.92
C HIS A 306 20.21 0.48 -4.53
N THR A 307 20.35 1.56 -5.31
CA THR A 307 19.47 2.75 -5.25
C THR A 307 18.77 2.90 -6.60
N PHE A 308 17.42 2.90 -6.58
CA PHE A 308 16.57 3.12 -7.78
C PHE A 308 16.21 4.61 -7.85
N GLU A 309 16.66 5.27 -8.91
CA GLU A 309 16.50 6.74 -9.12
C GLU A 309 15.64 6.97 -10.36
N SER A 310 14.66 7.88 -10.25
N SER A 310 14.67 7.89 -10.26
CA SER A 310 13.85 8.45 -11.36
CA SER A 310 13.81 8.40 -11.36
C SER A 310 12.69 9.29 -10.81
C SER A 310 12.72 9.30 -10.78
N HIS A 311 12.15 8.94 -9.63
CA HIS A 311 11.07 9.74 -9.01
C HIS A 311 11.56 11.18 -8.82
N LYS A 312 10.68 12.15 -9.03
CA LYS A 312 10.99 13.59 -8.94
C LYS A 312 10.50 14.19 -7.62
N ASP A 313 9.89 13.39 -6.75
CA ASP A 313 9.41 13.89 -5.44
C ASP A 313 9.27 12.68 -4.50
N GLU A 314 8.80 12.96 -3.30
CA GLU A 314 8.77 12.04 -2.14
C GLU A 314 8.03 10.76 -2.54
N ILE A 315 8.62 9.61 -2.22
CA ILE A 315 8.01 8.27 -2.41
C ILE A 315 7.31 7.86 -1.12
N PHE A 316 6.05 7.44 -1.24
CA PHE A 316 5.22 7.03 -0.08
C PHE A 316 4.83 5.56 -0.09
N GLN A 317 4.86 4.85 -1.21
CA GLN A 317 4.44 3.44 -1.25
C GLN A 317 5.40 2.64 -2.16
N VAL A 318 5.66 1.41 -1.74
CA VAL A 318 6.45 0.42 -2.52
CA VAL A 318 6.44 0.41 -2.54
C VAL A 318 5.78 -0.95 -2.36
N HIS A 319 5.74 -1.73 -3.42
CA HIS A 319 5.21 -3.10 -3.39
C HIS A 319 5.96 -3.95 -4.41
N TRP A 320 6.46 -5.09 -3.96
CA TRP A 320 6.99 -6.13 -4.88
C TRP A 320 5.82 -6.76 -5.65
N SER A 321 6.08 -7.17 -6.89
CA SER A 321 5.16 -7.95 -7.74
C SER A 321 4.87 -9.28 -7.06
N PRO A 322 3.60 -9.75 -7.03
CA PRO A 322 3.29 -11.06 -6.47
C PRO A 322 3.73 -12.19 -7.40
N HIS A 323 4.06 -11.87 -8.65
CA HIS A 323 4.27 -12.90 -9.72
C HIS A 323 5.73 -12.98 -10.19
N ASN A 324 6.53 -11.94 -9.99
CA ASN A 324 7.86 -11.81 -10.64
C ASN A 324 8.88 -11.31 -9.61
N GLU A 325 9.82 -12.16 -9.21
CA GLU A 325 10.77 -11.90 -8.10
C GLU A 325 11.58 -10.63 -8.33
N THR A 326 11.83 -10.25 -9.59
CA THR A 326 12.72 -9.10 -9.93
C THR A 326 11.91 -7.81 -10.12
N ILE A 327 10.58 -7.86 -9.96
CA ILE A 327 9.72 -6.69 -10.30
C ILE A 327 9.19 -6.03 -9.02
N LEU A 328 9.30 -4.71 -9.00
N LEU A 328 9.42 -4.72 -8.86
CA LEU A 328 9.01 -3.82 -7.85
CA LEU A 328 8.79 -3.95 -7.77
C LEU A 328 8.27 -2.59 -8.40
C LEU A 328 8.39 -2.56 -8.27
N ALA A 329 7.41 -1.96 -7.60
CA ALA A 329 6.83 -0.67 -8.01
C ALA A 329 6.84 0.29 -6.83
N SER A 330 6.83 1.58 -7.15
CA SER A 330 6.89 2.67 -6.17
C SER A 330 6.03 3.84 -6.65
N SER A 331 5.47 4.58 -5.70
CA SER A 331 4.59 5.72 -6.02
C SER A 331 4.78 6.85 -5.00
N GLY A 332 4.28 8.04 -5.35
CA GLY A 332 4.21 9.11 -4.37
C GLY A 332 3.77 10.43 -4.94
N THR A 333 4.36 11.49 -4.41
CA THR A 333 3.93 12.89 -4.59
C THR A 333 4.14 13.37 -6.02
N ASP A 334 5.05 12.76 -6.77
CA ASP A 334 5.34 13.17 -8.17
C ASP A 334 4.22 12.70 -9.12
N ARG A 335 3.17 12.06 -8.60
CA ARG A 335 1.99 11.63 -9.41
C ARG A 335 2.40 10.53 -10.40
N ARG A 336 3.48 9.81 -10.11
CA ARG A 336 3.92 8.71 -10.98
C ARG A 336 3.99 7.42 -10.17
N LEU A 337 3.74 6.32 -10.86
CA LEU A 337 4.00 4.97 -10.35
C LEU A 337 5.07 4.36 -11.28
N ASN A 338 6.23 4.11 -10.73
CA ASN A 338 7.39 3.53 -11.46
C ASN A 338 7.43 2.03 -11.18
N VAL A 339 7.63 1.26 -12.25
CA VAL A 339 7.85 -0.20 -12.15
C VAL A 339 9.32 -0.44 -12.50
N TRP A 340 10.02 -1.16 -11.63
CA TRP A 340 11.46 -1.46 -11.72
C TRP A 340 11.67 -2.93 -11.99
N ASP A 341 12.73 -3.25 -12.73
CA ASP A 341 13.13 -4.66 -13.00
C ASP A 341 14.60 -4.81 -12.59
N LEU A 342 14.84 -5.46 -11.45
CA LEU A 342 16.18 -5.68 -10.87
C LEU A 342 17.10 -6.36 -11.89
N SER A 343 16.54 -7.20 -12.75
CA SER A 343 17.33 -8.06 -13.68
C SER A 343 18.02 -7.20 -14.74
N LYS A 344 17.60 -5.95 -14.92
CA LYS A 344 18.14 -5.02 -15.95
C LYS A 344 19.18 -4.07 -15.36
N ILE A 345 19.48 -4.13 -14.06
CA ILE A 345 20.51 -3.25 -13.43
C ILE A 345 21.81 -3.42 -14.23
N GLY A 346 22.44 -2.32 -14.63
CA GLY A 346 23.82 -2.31 -15.19
C GLY A 346 23.85 -2.59 -16.69
N GLU A 347 22.71 -2.94 -17.30
CA GLU A 347 22.59 -3.23 -18.75
C GLU A 347 23.04 -2.01 -19.57
N GLU A 348 23.68 -2.25 -20.72
CA GLU A 348 23.98 -1.18 -21.71
C GLU A 348 22.64 -0.68 -22.26
N GLN A 349 22.58 0.61 -22.61
CA GLN A 349 21.34 1.25 -23.15
C GLN A 349 21.68 1.97 -24.46
N SER A 350 20.70 2.05 -25.36
CA SER A 350 20.69 3.00 -26.50
C SER A 350 20.75 4.43 -25.96
N ALA A 351 21.23 5.36 -26.78
CA ALA A 351 21.17 6.82 -26.50
C ALA A 351 19.73 7.19 -26.11
N GLU A 352 18.75 6.64 -26.81
CA GLU A 352 17.31 6.95 -26.59
C GLU A 352 16.85 6.46 -25.21
N ASP A 353 17.19 5.23 -24.82
CA ASP A 353 16.70 4.64 -23.56
C ASP A 353 17.37 5.34 -22.38
N ALA A 354 18.66 5.69 -22.50
CA ALA A 354 19.44 6.38 -21.44
C ALA A 354 18.77 7.71 -21.08
N GLU A 355 18.19 8.41 -22.07
CA GLU A 355 17.52 9.73 -21.87
C GLU A 355 16.30 9.57 -20.95
N ASP A 356 15.61 8.43 -20.99
CA ASP A 356 14.31 8.22 -20.28
C ASP A 356 14.55 7.72 -18.87
N GLY A 357 15.75 7.19 -18.57
CA GLY A 357 16.09 6.75 -17.21
C GLY A 357 17.05 5.58 -17.21
N PRO A 358 17.31 4.99 -16.03
CA PRO A 358 18.23 3.87 -15.90
C PRO A 358 17.62 2.60 -16.48
N PRO A 359 18.43 1.58 -16.81
CA PRO A 359 17.92 0.37 -17.47
C PRO A 359 16.91 -0.40 -16.61
N GLU A 360 17.02 -0.27 -15.27
CA GLU A 360 16.15 -1.02 -14.33
C GLU A 360 14.80 -0.32 -14.20
N LEU A 361 14.62 0.86 -14.81
CA LEU A 361 13.26 1.50 -14.87
C LEU A 361 12.50 0.87 -16.03
N LEU A 362 11.56 -0.02 -15.72
CA LEU A 362 10.79 -0.76 -16.75
C LEU A 362 9.67 0.11 -17.33
N PHE A 363 8.97 0.87 -16.48
CA PHE A 363 7.73 1.55 -16.91
C PHE A 363 7.45 2.71 -15.97
N ILE A 364 7.02 3.83 -16.55
CA ILE A 364 6.44 4.97 -15.78
C ILE A 364 4.96 5.06 -16.11
N HIS A 365 4.09 4.94 -15.11
CA HIS A 365 2.63 5.13 -15.28
C HIS A 365 2.31 6.60 -15.02
N GLY A 366 1.86 7.31 -16.06
CA GLY A 366 1.54 8.75 -16.01
C GLY A 366 0.04 9.06 -15.98
N GLY A 367 -0.82 8.09 -15.66
CA GLY A 367 -2.27 8.28 -15.78
C GLY A 367 -2.89 9.14 -14.68
N HIS A 368 -2.22 9.34 -13.56
CA HIS A 368 -2.79 10.14 -12.44
C HIS A 368 -2.40 11.60 -12.56
N THR A 369 -3.36 12.47 -12.23
CA THR A 369 -3.21 13.94 -12.30
C THR A 369 -3.09 14.53 -10.89
N ALA A 370 -2.83 13.72 -9.89
CA ALA A 370 -2.57 14.17 -8.50
C ALA A 370 -1.72 13.13 -7.78
N LYS A 371 -1.25 13.46 -6.58
CA LYS A 371 -0.45 12.53 -5.76
C LYS A 371 -1.14 11.17 -5.69
N ILE A 372 -0.37 10.11 -5.86
CA ILE A 372 -0.89 8.72 -5.70
C ILE A 372 -0.88 8.40 -4.22
N SER A 373 -2.02 7.98 -3.69
CA SER A 373 -2.19 7.67 -2.24
C SER A 373 -1.85 6.21 -1.92
N ASP A 374 -2.11 5.29 -2.85
CA ASP A 374 -1.85 3.85 -2.58
C ASP A 374 -1.96 3.13 -3.92
N PHE A 375 -1.45 1.90 -3.98
CA PHE A 375 -1.69 1.03 -5.14
C PHE A 375 -1.58 -0.42 -4.66
N SER A 376 -2.07 -1.32 -5.48
CA SER A 376 -2.08 -2.77 -5.19
C SER A 376 -1.90 -3.53 -6.49
N TRP A 377 -0.96 -4.49 -6.48
CA TRP A 377 -0.82 -5.48 -7.56
C TRP A 377 -1.96 -6.51 -7.48
N ASN A 378 -2.64 -6.74 -8.58
CA ASN A 378 -3.70 -7.76 -8.66
C ASN A 378 -3.05 -9.13 -8.42
N PRO A 379 -3.52 -9.92 -7.44
CA PRO A 379 -2.86 -11.19 -7.13
C PRO A 379 -3.22 -12.33 -8.09
N ASN A 380 -4.23 -12.16 -8.94
CA ASN A 380 -4.80 -13.20 -9.83
C ASN A 380 -4.48 -12.94 -11.31
N GLU A 381 -4.27 -11.69 -11.69
CA GLU A 381 -4.06 -11.32 -13.11
C GLU A 381 -2.71 -10.62 -13.21
N PRO A 382 -1.64 -11.34 -13.67
CA PRO A 382 -0.31 -10.75 -13.74
C PRO A 382 -0.29 -9.41 -14.48
N TRP A 383 0.42 -8.47 -13.88
CA TRP A 383 0.75 -7.13 -14.41
C TRP A 383 -0.42 -6.14 -14.22
N VAL A 384 -1.56 -6.56 -13.70
CA VAL A 384 -2.66 -5.61 -13.41
C VAL A 384 -2.38 -4.93 -12.07
N ILE A 385 -2.51 -3.60 -12.04
CA ILE A 385 -2.37 -2.75 -10.83
C ILE A 385 -3.63 -1.91 -10.70
N CYS A 386 -4.05 -1.68 -9.45
CA CYS A 386 -5.02 -0.60 -9.13
C CYS A 386 -4.28 0.46 -8.33
N SER A 387 -4.38 1.70 -8.78
CA SER A 387 -3.79 2.89 -8.12
C SER A 387 -4.87 3.93 -7.88
N VAL A 388 -4.78 4.59 -6.73
CA VAL A 388 -5.77 5.64 -6.34
C VAL A 388 -5.04 6.93 -6.03
N SER A 389 -5.65 8.08 -6.37
CA SER A 389 -5.01 9.40 -6.22
C SER A 389 -5.90 10.37 -5.44
N GLU A 390 -5.31 11.49 -5.06
CA GLU A 390 -5.94 12.49 -4.17
C GLU A 390 -7.05 13.26 -4.89
N ASP A 391 -7.16 13.15 -6.22
CA ASP A 391 -8.22 13.82 -7.01
C ASP A 391 -9.36 12.85 -7.35
N ASN A 392 -9.52 11.78 -6.57
CA ASN A 392 -10.72 10.89 -6.52
C ASN A 392 -10.64 9.82 -7.61
N ILE A 393 -9.52 9.73 -8.35
CA ILE A 393 -9.40 8.75 -9.45
C ILE A 393 -8.91 7.41 -8.92
N MET A 394 -9.50 6.36 -9.44
CA MET A 394 -9.04 4.97 -9.31
C MET A 394 -8.80 4.46 -10.72
N GLN A 395 -7.62 3.93 -10.97
CA GLN A 395 -7.27 3.35 -12.30
C GLN A 395 -6.92 1.89 -12.08
N ILE A 396 -7.45 1.04 -12.96
CA ILE A 396 -7.07 -0.38 -13.07
C ILE A 396 -6.36 -0.51 -14.41
N TRP A 397 -5.11 -0.91 -14.40
CA TRP A 397 -4.29 -0.83 -15.62
C TRP A 397 -3.26 -1.94 -15.69
N GLN A 398 -2.79 -2.18 -16.91
CA GLN A 398 -1.81 -3.23 -17.23
C GLN A 398 -0.94 -2.71 -18.38
N MET A 399 0.35 -2.60 -18.14
CA MET A 399 1.29 -2.11 -19.18
C MET A 399 1.28 -3.13 -20.32
N ALA A 400 1.63 -2.67 -21.51
CA ALA A 400 1.62 -3.50 -22.73
C ALA A 400 2.60 -4.67 -22.60
N GLU A 401 2.21 -5.82 -23.16
CA GLU A 401 3.01 -7.07 -23.06
C GLU A 401 4.42 -6.86 -23.63
N ASN A 402 4.55 -6.04 -24.68
CA ASN A 402 5.84 -5.83 -25.39
C ASN A 402 6.85 -5.10 -24.47
N ILE A 403 6.46 -4.63 -23.27
CA ILE A 403 7.39 -3.91 -22.35
C ILE A 403 8.14 -4.90 -21.43
N TYR A 404 7.46 -5.89 -20.87
CA TYR A 404 8.10 -6.86 -19.93
C TYR A 404 8.58 -8.10 -20.69
N ASN A 405 8.14 -8.25 -21.95
CA ASN A 405 8.66 -9.24 -22.93
C ASN A 405 9.47 -8.51 -24.02
UNK UNX B . -1.45 -6.54 5.73
UNK UNX C . 5.71 -13.09 9.63
#